data_3GBZ
#
_entry.id   3GBZ
#
_cell.length_a   52.720
_cell.length_b   73.050
_cell.length_c   75.010
_cell.angle_alpha   90.00
_cell.angle_beta   90.00
_cell.angle_gamma   90.00
#
_symmetry.space_group_name_H-M   'P 21 21 21'
#
loop_
_entity.id
_entity.type
_entity.pdbx_description
1 polymer 'Kinase, CMGC CDK'
2 water water
#
_entity_poly.entity_id   1
_entity_poly.type   'polypeptide(L)'
_entity_poly.pdbx_seq_one_letter_code
;MAHHHHHHMGTLEAQTQGPGSMSVSAAPSATSIDRYRRITKLGEGTYGEVYKAIDTVTNETVAIKRIRLEHEEEGVPGTA
IREVSLLKELQHRNIIELKSVIHHNHRLHLIFEYAENDLKKYMDKNPDVSMRVIKSFLYQLINGVNFCHSRRCLHRDLKP
QNLLLSVSDASETPVLKIGDFGLARAFGIPIRQFTHEIITLWYRPPEILLGSRHYSTSVDIWSIACIWAEMLMKTPLFPG
DSEIDQLFKIFEVLGLPDDTTWPGVTALPDWKQSFPKFRGKTLKRVLGALLDDEGLDLLTAMLEMDPVKRISAKNALEHP
YFSHNDFDP
;
_entity_poly.pdbx_strand_id   A
#
# COMPACT_ATOMS: atom_id res chain seq x y z
N SER A 32 -2.54 -29.06 4.68
CA SER A 32 -1.35 -29.48 5.49
C SER A 32 -1.47 -29.18 7.00
N ILE A 33 -2.34 -28.21 7.37
CA ILE A 33 -2.12 -27.33 8.57
C ILE A 33 -1.51 -27.93 9.89
N ASP A 34 -1.38 -29.26 9.96
CA ASP A 34 -0.72 -29.98 11.08
C ASP A 34 0.83 -30.03 10.96
N ARG A 35 1.32 -29.37 9.92
CA ARG A 35 2.71 -29.04 9.71
C ARG A 35 3.16 -27.82 10.52
N TYR A 36 2.18 -27.07 11.05
CA TYR A 36 2.45 -25.83 11.77
C TYR A 36 2.18 -25.99 13.26
N ARG A 37 3.18 -25.62 14.05
N ARG A 37 3.13 -25.58 14.07
CA ARG A 37 3.17 -25.74 15.50
CA ARG A 37 3.00 -25.74 15.51
C ARG A 37 3.29 -24.39 16.16
C ARG A 37 3.38 -24.43 16.18
N ARG A 38 3.19 -24.39 17.49
CA ARG A 38 3.40 -23.23 18.28
C ARG A 38 2.60 -22.05 17.71
N ILE A 39 1.35 -22.33 17.34
CA ILE A 39 0.50 -21.36 16.65
C ILE A 39 0.01 -20.39 17.74
N THR A 40 0.39 -19.14 17.57
CA THR A 40 0.23 -18.08 18.56
C THR A 40 -0.62 -16.99 17.91
N LYS A 41 -1.81 -16.72 18.47
CA LYS A 41 -2.66 -15.67 17.93
C LYS A 41 -1.97 -14.35 18.15
N LEU A 42 -1.89 -13.53 17.10
CA LEU A 42 -1.29 -12.21 17.18
C LEU A 42 -2.37 -11.12 17.21
N GLY A 43 -3.58 -11.47 16.79
CA GLY A 43 -4.69 -10.54 16.75
C GLY A 43 -5.66 -10.82 15.62
N GLU A 44 -6.47 -9.83 15.31
CA GLU A 44 -7.45 -9.93 14.24
C GLU A 44 -6.91 -9.02 13.18
N GLY A 45 -6.85 -9.49 11.93
CA GLY A 45 -6.45 -8.66 10.80
C GLY A 45 -7.65 -8.33 9.95
N THR A 46 -7.40 -7.91 8.72
CA THR A 46 -8.46 -7.50 7.82
C THR A 46 -9.50 -8.59 7.61
N TYR A 47 -9.02 -9.82 7.40
CA TYR A 47 -9.89 -10.91 6.93
C TYR A 47 -10.25 -11.91 8.03
N GLY A 48 -9.63 -11.79 9.17
CA GLY A 48 -9.77 -12.77 10.22
C GLY A 48 -8.61 -12.75 11.13
N GLU A 49 -8.53 -13.78 11.98
CA GLU A 49 -7.47 -13.88 12.97
C GLU A 49 -6.13 -14.07 12.29
N VAL A 50 -5.10 -13.53 12.90
CA VAL A 50 -3.75 -13.67 12.40
C VAL A 50 -2.90 -14.33 13.46
N TYR A 51 -2.04 -15.26 13.03
CA TYR A 51 -1.19 -16.02 13.93
C TYR A 51 0.22 -16.07 13.40
N LYS A 52 1.16 -16.38 14.29
CA LYS A 52 2.45 -16.85 13.86
C LYS A 52 2.57 -18.31 14.28
N ALA A 53 3.41 -19.05 13.59
CA ALA A 53 3.56 -20.45 13.84
C ALA A 53 4.93 -20.84 13.40
N ILE A 54 5.32 -22.05 13.77
CA ILE A 54 6.57 -22.63 13.33
C ILE A 54 6.22 -23.65 12.27
N ASP A 55 6.88 -23.55 11.12
CA ASP A 55 6.75 -24.50 10.05
C ASP A 55 7.74 -25.59 10.40
N THR A 56 7.26 -26.74 10.89
CA THR A 56 8.17 -27.78 11.37
C THR A 56 9.03 -28.43 10.27
N VAL A 57 8.67 -28.19 9.01
CA VAL A 57 9.38 -28.76 7.89
C VAL A 57 10.66 -27.97 7.60
N THR A 58 10.57 -26.64 7.75
CA THR A 58 11.70 -25.75 7.55
C THR A 58 12.20 -25.20 8.89
N ASN A 59 11.46 -25.44 9.97
CA ASN A 59 11.72 -24.84 11.30
C ASN A 59 11.61 -23.30 11.36
N GLU A 60 11.13 -22.70 10.29
CA GLU A 60 10.98 -21.23 10.22
C GLU A 60 9.65 -20.73 10.78
N THR A 61 9.65 -19.50 11.22
CA THR A 61 8.42 -18.85 11.63
C THR A 61 7.65 -18.46 10.41
N VAL A 62 6.36 -18.73 10.42
CA VAL A 62 5.45 -18.30 9.36
C VAL A 62 4.28 -17.54 9.97
N ALA A 63 3.51 -16.87 9.12
CA ALA A 63 2.30 -16.19 9.55
C ALA A 63 1.13 -17.00 9.04
N ILE A 64 0.08 -17.14 9.82
CA ILE A 64 -1.10 -17.78 9.35
C ILE A 64 -2.25 -16.82 9.43
N LYS A 65 -2.97 -16.66 8.32
CA LYS A 65 -4.12 -15.79 8.33
C LYS A 65 -5.36 -16.62 8.10
N ARG A 66 -6.29 -16.57 9.04
CA ARG A 66 -7.57 -17.19 8.79
C ARG A 66 -8.38 -16.18 7.98
N ILE A 67 -8.95 -16.65 6.88
CA ILE A 67 -9.77 -15.81 5.99
C ILE A 67 -11.24 -16.16 6.26
N ARG A 68 -11.94 -15.28 6.98
CA ARG A 68 -13.38 -15.43 7.20
C ARG A 68 -14.08 -15.21 5.85
N LEU A 69 -14.89 -16.16 5.39
CA LEU A 69 -15.70 -15.99 4.15
C LEU A 69 -17.21 -16.15 4.38
N GLU A 70 -17.96 -15.89 3.32
CA GLU A 70 -19.40 -16.25 3.18
C GLU A 70 -20.06 -15.03 2.54
N HIS A 71 -20.95 -15.27 1.58
CA HIS A 71 -21.47 -14.19 0.72
C HIS A 71 -22.88 -14.46 0.21
N ALA A 80 -12.25 -19.11 -5.56
CA ALA A 80 -11.59 -18.44 -4.44
C ALA A 80 -10.22 -19.04 -4.13
N ILE A 81 -10.14 -20.36 -4.12
CA ILE A 81 -8.91 -21.02 -3.70
C ILE A 81 -7.93 -21.02 -4.86
N ARG A 82 -8.45 -21.20 -6.06
CA ARG A 82 -7.65 -21.07 -7.27
C ARG A 82 -7.07 -19.65 -7.28
N GLU A 83 -7.94 -18.66 -7.14
CA GLU A 83 -7.55 -17.25 -7.22
C GLU A 83 -6.45 -16.87 -6.22
N VAL A 84 -6.64 -17.24 -4.96
CA VAL A 84 -5.66 -16.88 -3.95
C VAL A 84 -4.43 -17.71 -4.24
N SER A 85 -4.59 -18.94 -4.73
CA SER A 85 -3.42 -19.80 -4.96
C SER A 85 -2.52 -19.22 -6.07
N LEU A 86 -3.09 -18.48 -7.02
CA LEU A 86 -2.31 -17.80 -8.06
C LEU A 86 -1.31 -16.81 -7.43
N LEU A 87 -1.66 -16.27 -6.25
CA LEU A 87 -0.79 -15.33 -5.57
C LEU A 87 0.53 -15.95 -5.13
N LYS A 88 0.58 -17.28 -5.12
CA LYS A 88 1.83 -17.98 -4.80
C LYS A 88 2.93 -17.65 -5.79
N GLU A 89 2.54 -17.28 -7.01
CA GLU A 89 3.49 -16.90 -8.04
C GLU A 89 4.17 -15.57 -7.75
N LEU A 90 3.60 -14.78 -6.86
CA LEU A 90 4.18 -13.46 -6.56
C LEU A 90 5.37 -13.67 -5.64
N GLN A 91 6.48 -14.05 -6.26
CA GLN A 91 7.73 -14.31 -5.52
C GLN A 91 8.72 -13.23 -5.81
N HIS A 92 8.96 -12.42 -4.81
CA HIS A 92 9.78 -11.24 -4.96
C HIS A 92 10.22 -10.84 -3.55
N ARG A 93 11.44 -10.34 -3.46
CA ARG A 93 12.04 -10.01 -2.17
C ARG A 93 11.26 -8.94 -1.40
N ASN A 94 10.55 -8.08 -2.11
CA ASN A 94 9.71 -7.07 -1.47
C ASN A 94 8.24 -7.42 -1.36
N ILE A 95 7.92 -8.70 -1.47
CA ILE A 95 6.50 -9.13 -1.38
C ILE A 95 6.50 -10.27 -0.36
N ILE A 96 5.61 -10.21 0.62
CA ILE A 96 5.42 -11.31 1.55
C ILE A 96 4.91 -12.52 0.75
N GLU A 97 5.67 -13.61 0.82
CA GLU A 97 5.36 -14.77 0.07
C GLU A 97 4.17 -15.48 0.63
N LEU A 98 3.20 -15.77 -0.23
CA LEU A 98 2.12 -16.71 0.08
C LEU A 98 2.68 -18.12 -0.12
N LYS A 99 2.82 -18.84 0.99
CA LYS A 99 3.48 -20.16 0.96
C LYS A 99 2.50 -21.28 0.71
N SER A 100 1.29 -21.15 1.23
CA SER A 100 0.35 -22.24 1.18
C SER A 100 -1.07 -21.76 1.40
N VAL A 101 -2.01 -22.41 0.71
CA VAL A 101 -3.40 -22.14 0.87
C VAL A 101 -3.98 -23.41 1.47
N ILE A 102 -4.55 -23.31 2.66
CA ILE A 102 -5.10 -24.49 3.30
C ILE A 102 -6.58 -24.29 3.46
N HIS A 103 -7.36 -25.16 2.85
CA HIS A 103 -8.82 -25.10 2.91
C HIS A 103 -9.28 -26.43 3.48
N HIS A 104 -9.47 -26.48 4.79
CA HIS A 104 -9.77 -27.72 5.53
C HIS A 104 -10.99 -27.54 6.44
N ASN A 105 -11.89 -28.53 6.46
CA ASN A 105 -13.09 -28.46 7.29
C ASN A 105 -13.88 -27.13 7.12
N HIS A 106 -14.03 -26.73 5.86
CA HIS A 106 -14.76 -25.51 5.48
C HIS A 106 -14.11 -24.18 5.95
N ARG A 107 -12.90 -24.25 6.54
CA ARG A 107 -12.13 -23.05 6.92
C ARG A 107 -10.98 -22.83 5.93
N LEU A 108 -10.55 -21.58 5.83
CA LEU A 108 -9.52 -21.18 4.87
C LEU A 108 -8.41 -20.45 5.62
N HIS A 109 -7.19 -20.95 5.46
CA HIS A 109 -6.00 -20.34 6.02
C HIS A 109 -5.02 -20.13 4.92
N LEU A 110 -4.37 -18.98 4.99
CA LEU A 110 -3.24 -18.67 4.17
C LEU A 110 -1.98 -18.68 5.01
N ILE A 111 -0.92 -19.33 4.54
CA ILE A 111 0.34 -19.33 5.22
C ILE A 111 1.29 -18.40 4.47
N PHE A 112 1.80 -17.41 5.19
CA PHE A 112 2.68 -16.43 4.62
C PHE A 112 4.01 -16.49 5.29
N GLU A 113 5.00 -16.01 4.54
CA GLU A 113 6.22 -15.56 5.11
C GLU A 113 5.95 -14.64 6.28
N TYR A 114 6.74 -14.85 7.33
CA TYR A 114 6.64 -14.04 8.52
C TYR A 114 7.62 -12.89 8.53
N ALA A 115 7.15 -11.70 8.93
CA ALA A 115 8.04 -10.59 9.25
C ALA A 115 7.62 -10.06 10.61
N GLU A 116 8.58 -9.92 11.52
CA GLU A 116 8.31 -9.45 12.89
C GLU A 116 7.79 -8.01 12.89
N ASN A 117 8.49 -7.17 12.15
CA ASN A 117 8.22 -5.74 12.23
C ASN A 117 7.29 -5.29 11.10
N ASP A 118 6.76 -4.06 11.22
CA ASP A 118 6.04 -3.36 10.18
C ASP A 118 6.34 -1.86 10.22
N LEU A 119 5.99 -1.14 9.14
CA LEU A 119 6.44 0.21 8.95
C LEU A 119 5.95 1.20 10.04
N LYS A 120 4.69 1.08 10.40
CA LYS A 120 4.09 1.89 11.45
C LYS A 120 4.88 1.72 12.76
N LYS A 121 5.13 0.49 13.17
CA LYS A 121 5.87 0.15 14.40
C LYS A 121 7.29 0.69 14.32
N TYR A 122 7.92 0.45 13.17
CA TYR A 122 9.23 0.97 12.88
C TYR A 122 9.35 2.49 13.00
N MET A 123 8.40 3.23 12.42
CA MET A 123 8.43 4.69 12.41
C MET A 123 8.19 5.21 13.85
N ASP A 124 7.38 4.49 14.60
CA ASP A 124 7.10 4.82 15.99
C ASP A 124 8.37 4.64 16.87
N LYS A 125 9.11 3.57 16.63
CA LYS A 125 10.28 3.24 17.39
C LYS A 125 11.52 4.02 16.94
N ASN A 126 11.49 4.58 15.73
CA ASN A 126 12.65 5.24 15.13
C ASN A 126 12.35 6.63 14.65
N PRO A 127 12.08 7.55 15.59
CA PRO A 127 11.82 8.91 15.20
C PRO A 127 12.93 9.53 14.38
N ASP A 128 14.16 9.11 14.60
CA ASP A 128 15.30 9.75 13.94
C ASP A 128 15.74 9.02 12.65
N VAL A 129 14.88 8.17 12.10
CA VAL A 129 15.18 7.38 10.91
C VAL A 129 15.76 8.28 9.81
N SER A 130 16.80 7.77 9.17
CA SER A 130 17.52 8.55 8.18
C SER A 130 16.71 8.69 6.89
N MET A 131 17.01 9.74 6.17
CA MET A 131 16.43 9.92 4.89
C MET A 131 16.80 8.75 3.96
N ARG A 132 18.00 8.19 4.12
CA ARG A 132 18.41 7.05 3.30
C ARG A 132 17.48 5.83 3.52
N VAL A 133 17.15 5.56 4.78
CA VAL A 133 16.25 4.48 5.12
C VAL A 133 14.91 4.71 4.50
N ILE A 134 14.35 5.92 4.62
CA ILE A 134 13.06 6.27 4.04
C ILE A 134 13.05 6.04 2.53
N LYS A 135 14.10 6.52 1.89
CA LYS A 135 14.22 6.38 0.46
C LYS A 135 14.42 4.93 0.01
N SER A 136 15.14 4.14 0.80
CA SER A 136 15.23 2.67 0.62
C SER A 136 13.88 2.00 0.73
N PHE A 137 13.15 2.33 1.79
CA PHE A 137 11.79 1.76 1.98
C PHE A 137 10.92 2.10 0.80
N LEU A 138 10.98 3.33 0.35
CA LEU A 138 10.16 3.80 -0.77
C LEU A 138 10.50 3.02 -2.03
N TYR A 139 11.79 2.92 -2.32
CA TYR A 139 12.19 2.18 -3.52
C TYR A 139 11.67 0.74 -3.49
N GLN A 140 11.90 0.10 -2.35
CA GLN A 140 11.49 -1.26 -2.12
C GLN A 140 9.99 -1.44 -2.26
N LEU A 141 9.23 -0.49 -1.75
CA LEU A 141 7.78 -0.49 -1.89
C LEU A 141 7.34 -0.41 -3.33
N ILE A 142 7.89 0.53 -4.06
CA ILE A 142 7.60 0.68 -5.47
C ILE A 142 8.06 -0.55 -6.23
N ASN A 143 9.22 -1.08 -5.88
CA ASN A 143 9.75 -2.26 -6.57
C ASN A 143 8.82 -3.45 -6.40
N GLY A 144 8.34 -3.67 -5.19
CA GLY A 144 7.38 -4.74 -4.97
C GLY A 144 6.10 -4.50 -5.73
N VAL A 145 5.60 -3.27 -5.67
CA VAL A 145 4.37 -2.96 -6.37
C VAL A 145 4.51 -3.16 -7.89
N ASN A 146 5.61 -2.68 -8.44
CA ASN A 146 5.89 -2.84 -9.86
C ASN A 146 5.88 -4.34 -10.23
N PHE A 147 6.48 -5.17 -9.38
CA PHE A 147 6.51 -6.59 -9.63
C PHE A 147 5.11 -7.16 -9.72
N CYS A 148 4.26 -6.75 -8.78
CA CYS A 148 2.91 -7.22 -8.76
C CYS A 148 2.07 -6.68 -9.91
N HIS A 149 2.19 -5.39 -10.18
CA HIS A 149 1.50 -4.77 -11.29
C HIS A 149 1.88 -5.41 -12.62
N SER A 150 3.14 -5.79 -12.76
CA SER A 150 3.61 -6.45 -13.97
C SER A 150 2.95 -7.83 -14.15
N ARG A 151 2.45 -8.40 -13.06
CA ARG A 151 1.72 -9.69 -13.06
C ARG A 151 0.21 -9.51 -12.97
N ARG A 152 -0.25 -8.27 -13.26
CA ARG A 152 -1.65 -7.83 -13.22
C ARG A 152 -2.31 -8.12 -11.87
N CYS A 153 -1.54 -7.91 -10.79
CA CYS A 153 -2.03 -8.05 -9.42
C CYS A 153 -1.96 -6.70 -8.71
N LEU A 154 -3.11 -6.22 -8.30
CA LEU A 154 -3.25 -4.98 -7.58
C LEU A 154 -3.35 -5.26 -6.09
N HIS A 155 -2.94 -4.27 -5.29
CA HIS A 155 -3.10 -4.40 -3.89
C HIS A 155 -4.49 -3.90 -3.48
N ARG A 156 -4.74 -2.62 -3.74
CA ARG A 156 -6.01 -1.91 -3.45
C ARG A 156 -6.16 -1.40 -2.02
N ASP A 157 -5.34 -1.90 -1.10
CA ASP A 157 -5.42 -1.43 0.30
C ASP A 157 -4.08 -1.28 0.96
N LEU A 158 -3.12 -0.66 0.25
CA LEU A 158 -1.82 -0.41 0.80
C LEU A 158 -1.91 0.56 1.98
N LYS A 159 -1.20 0.25 3.04
CA LYS A 159 -1.08 1.12 4.20
C LYS A 159 0.15 0.70 4.96
N PRO A 160 0.67 1.58 5.86
CA PRO A 160 1.89 1.24 6.58
C PRO A 160 1.75 -0.09 7.28
N GLN A 161 0.53 -0.44 7.75
CA GLN A 161 0.29 -1.72 8.47
C GLN A 161 0.59 -2.95 7.63
N ASN A 162 0.48 -2.88 6.30
CA ASN A 162 0.85 -4.08 5.54
C ASN A 162 2.22 -3.99 4.87
N LEU A 163 3.04 -3.06 5.35
CA LEU A 163 4.45 -2.96 4.93
C LEU A 163 5.25 -3.49 6.07
N LEU A 164 5.62 -4.76 5.94
CA LEU A 164 6.31 -5.51 6.98
C LEU A 164 7.78 -5.30 6.74
N LEU A 165 8.59 -5.48 7.75
CA LEU A 165 10.01 -5.23 7.64
C LEU A 165 10.70 -6.45 8.25
N SER A 166 11.63 -6.99 7.50
CA SER A 166 12.26 -8.24 7.84
C SER A 166 13.78 -8.00 7.95
N VAL A 167 14.38 -8.54 9.03
CA VAL A 167 15.82 -8.91 9.23
C VAL A 167 16.36 -8.27 10.50
N THR A 173 19.84 -2.37 7.15
CA THR A 173 18.48 -1.89 6.88
C THR A 173 17.48 -3.07 6.75
N PRO A 174 16.27 -2.91 7.31
CA PRO A 174 15.29 -3.96 7.06
C PRO A 174 14.90 -4.00 5.59
N VAL A 175 14.46 -5.18 5.17
CA VAL A 175 13.91 -5.39 3.85
C VAL A 175 12.40 -5.21 3.99
N LEU A 176 11.85 -4.35 3.21
CA LEU A 176 10.40 -4.07 3.27
C LEU A 176 9.70 -5.08 2.41
N LYS A 177 8.65 -5.67 2.93
CA LYS A 177 7.92 -6.66 2.21
C LYS A 177 6.44 -6.32 2.37
N ILE A 178 5.76 -6.22 1.24
CA ILE A 178 4.36 -5.87 1.20
C ILE A 178 3.53 -7.09 1.44
N GLY A 179 2.63 -7.01 2.39
CA GLY A 179 1.71 -8.08 2.67
C GLY A 179 0.37 -7.80 2.02
N ASP A 180 -0.34 -8.87 1.68
CA ASP A 180 -1.78 -8.87 1.35
C ASP A 180 -2.12 -8.46 -0.07
N PHE A 181 -1.15 -8.49 -0.96
CA PHE A 181 -1.42 -8.24 -2.35
C PHE A 181 -2.45 -9.25 -2.77
N GLY A 182 -3.40 -8.79 -3.55
CA GLY A 182 -4.42 -9.64 -4.15
C GLY A 182 -5.56 -10.01 -3.25
N LEU A 183 -5.48 -9.81 -1.94
CA LEU A 183 -6.52 -10.31 -1.07
C LEU A 183 -7.79 -9.49 -1.15
N ALA A 184 -7.66 -8.17 -1.33
CA ALA A 184 -8.84 -7.29 -1.42
C ALA A 184 -9.74 -7.70 -2.58
N ARG A 185 -9.15 -8.07 -3.70
CA ARG A 185 -9.91 -8.51 -4.86
C ARG A 185 -10.47 -9.92 -4.69
N ALA A 186 -9.64 -10.81 -4.13
CA ALA A 186 -9.95 -12.23 -4.03
C ALA A 186 -11.11 -12.49 -3.11
N PHE A 187 -11.30 -11.60 -2.13
CA PHE A 187 -12.26 -11.79 -1.03
C PHE A 187 -13.20 -10.61 -0.75
N GLY A 188 -13.12 -9.52 -1.50
CA GLY A 188 -13.99 -8.35 -1.26
C GLY A 188 -13.68 -7.58 0.01
N THR A 200 -8.78 3.07 7.61
CA THR A 200 -8.37 4.26 6.97
C THR A 200 -8.84 4.44 5.50
N LEU A 201 -9.31 5.64 5.26
CA LEU A 201 -9.47 6.19 3.95
C LEU A 201 -8.20 6.96 3.62
N TRP A 202 -7.23 6.99 4.52
CA TRP A 202 -6.11 7.93 4.38
C TRP A 202 -5.29 7.68 3.15
N TYR A 203 -5.33 6.44 2.68
CA TYR A 203 -4.45 6.03 1.56
C TYR A 203 -5.29 5.76 0.30
N ARG A 204 -6.56 6.11 0.37
CA ARG A 204 -7.46 5.82 -0.71
C ARG A 204 -7.43 6.95 -1.73
N PRO A 205 -7.37 6.63 -3.02
CA PRO A 205 -7.23 7.67 -4.00
C PRO A 205 -8.56 8.30 -4.31
N PRO A 206 -8.53 9.48 -4.88
CA PRO A 206 -9.76 10.23 -5.08
C PRO A 206 -10.75 9.56 -6.00
N GLU A 207 -10.29 8.76 -6.97
CA GLU A 207 -11.23 8.16 -7.91
C GLU A 207 -12.13 7.16 -7.21
N ILE A 208 -11.58 6.49 -6.19
CA ILE A 208 -12.34 5.58 -5.35
C ILE A 208 -13.25 6.33 -4.40
N LEU A 209 -12.74 7.38 -3.76
CA LEU A 209 -13.53 8.23 -2.90
C LEU A 209 -14.72 8.87 -3.64
N LEU A 210 -14.51 9.18 -4.92
CA LEU A 210 -15.55 9.76 -5.75
C LEU A 210 -16.45 8.69 -6.38
N GLY A 211 -16.27 7.43 -5.97
CA GLY A 211 -17.22 6.34 -6.30
C GLY A 211 -16.96 5.59 -7.57
N SER A 212 -15.77 5.72 -8.14
CA SER A 212 -15.43 4.91 -9.30
C SER A 212 -15.31 3.46 -8.81
N ARG A 213 -15.80 2.53 -9.61
CA ARG A 213 -15.73 1.11 -9.26
C ARG A 213 -14.51 0.48 -9.91
N HIS A 214 -13.81 1.24 -10.75
CA HIS A 214 -12.69 0.71 -11.51
C HIS A 214 -11.37 0.92 -10.75
N TYR A 215 -10.78 -0.17 -10.29
CA TYR A 215 -9.48 -0.13 -9.58
C TYR A 215 -8.39 -0.33 -10.64
N SER A 216 -7.50 0.64 -10.81
CA SER A 216 -6.40 0.44 -11.71
C SER A 216 -5.15 0.37 -10.86
N THR A 217 -4.05 -0.02 -11.48
CA THR A 217 -2.72 0.04 -10.88
C THR A 217 -2.48 1.40 -10.19
N SER A 218 -3.03 2.45 -10.76
CA SER A 218 -2.88 3.78 -10.20
C SER A 218 -3.34 3.89 -8.76
N VAL A 219 -4.28 3.06 -8.32
CA VAL A 219 -4.72 3.11 -6.97
C VAL A 219 -3.55 2.92 -6.03
N ASP A 220 -2.71 1.95 -6.34
CA ASP A 220 -1.66 1.56 -5.42
C ASP A 220 -0.62 2.66 -5.42
N ILE A 221 -0.43 3.30 -6.56
CA ILE A 221 0.59 4.37 -6.64
C ILE A 221 0.23 5.54 -5.71
N TRP A 222 -1.05 5.89 -5.69
CA TRP A 222 -1.53 6.92 -4.80
C TRP A 222 -1.16 6.58 -3.37
N SER A 223 -1.45 5.34 -2.99
CA SER A 223 -1.22 4.88 -1.63
C SER A 223 0.24 4.94 -1.27
N ILE A 224 1.09 4.54 -2.22
CA ILE A 224 2.53 4.68 -2.02
C ILE A 224 2.95 6.11 -1.71
N ALA A 225 2.48 7.07 -2.49
CA ALA A 225 2.80 8.48 -2.25
C ALA A 225 2.33 8.92 -0.87
N CYS A 226 1.13 8.48 -0.46
CA CYS A 226 0.63 8.83 0.87
C CYS A 226 1.47 8.24 1.99
N ILE A 227 1.93 7.02 1.80
CA ILE A 227 2.79 6.35 2.73
C ILE A 227 4.13 7.04 2.82
N TRP A 228 4.67 7.35 1.64
CA TRP A 228 5.92 8.10 1.55
C TRP A 228 5.86 9.44 2.26
N ALA A 229 4.82 10.20 1.99
CA ALA A 229 4.61 11.49 2.64
C ALA A 229 4.60 11.37 4.15
N GLU A 230 3.95 10.34 4.63
CA GLU A 230 3.81 10.06 6.07
C GLU A 230 5.14 9.67 6.69
N MET A 231 5.95 8.94 5.93
CA MET A 231 7.30 8.60 6.42
C MET A 231 8.10 9.87 6.64
N LEU A 232 7.91 10.85 5.78
CA LEU A 232 8.66 12.08 5.82
C LEU A 232 8.08 13.01 6.88
N MET A 233 6.76 13.14 6.90
CA MET A 233 6.09 14.12 7.78
C MET A 233 5.85 13.61 9.19
N LYS A 234 5.82 12.28 9.36
CA LYS A 234 5.49 11.56 10.59
C LYS A 234 4.04 11.75 11.02
N THR A 235 3.19 12.09 10.06
CA THR A 235 1.79 12.28 10.28
C THR A 235 1.19 12.00 8.89
N PRO A 236 -0.04 11.52 8.83
CA PRO A 236 -0.60 11.27 7.49
C PRO A 236 -0.80 12.51 6.67
N LEU A 237 -0.61 12.37 5.37
CA LEU A 237 -0.72 13.46 4.48
C LEU A 237 -2.18 13.92 4.44
N PHE A 238 -3.08 12.95 4.37
CA PHE A 238 -4.51 13.23 4.17
C PHE A 238 -5.33 12.50 5.22
N PRO A 239 -5.38 13.03 6.45
CA PRO A 239 -6.02 12.22 7.46
C PRO A 239 -7.50 12.51 7.55
N GLY A 240 -8.24 12.04 6.56
CA GLY A 240 -9.66 12.30 6.50
C GLY A 240 -10.40 11.47 7.55
N ASP A 241 -11.56 11.93 7.97
CA ASP A 241 -12.35 11.16 8.90
C ASP A 241 -13.68 10.71 8.27
N SER A 242 -13.83 10.88 6.95
CA SER A 242 -14.98 10.39 6.19
C SER A 242 -14.62 10.48 4.70
N GLU A 243 -15.39 9.86 3.83
CA GLU A 243 -15.03 9.90 2.42
C GLU A 243 -14.98 11.34 1.91
N ILE A 244 -15.97 12.15 2.28
CA ILE A 244 -15.97 13.54 1.86
C ILE A 244 -14.86 14.33 2.54
N ASP A 245 -14.64 14.10 3.82
CA ASP A 245 -13.58 14.84 4.54
C ASP A 245 -12.19 14.49 3.93
N GLN A 246 -12.08 13.22 3.52
CA GLN A 246 -10.88 12.73 2.85
C GLN A 246 -10.66 13.47 1.54
N LEU A 247 -11.70 13.58 0.74
CA LEU A 247 -11.61 14.33 -0.49
C LEU A 247 -11.25 15.77 -0.24
N PHE A 248 -11.81 16.37 0.81
CA PHE A 248 -11.49 17.75 1.13
C PHE A 248 -10.03 17.94 1.47
N LYS A 249 -9.49 16.98 2.21
CA LYS A 249 -8.10 17.03 2.62
C LYS A 249 -7.20 16.97 1.40
N ILE A 250 -7.56 16.10 0.45
CA ILE A 250 -6.81 15.95 -0.80
C ILE A 250 -6.92 17.22 -1.65
N PHE A 251 -8.14 17.69 -1.87
CA PHE A 251 -8.36 18.88 -2.67
C PHE A 251 -7.71 20.11 -2.02
N GLU A 252 -7.70 20.15 -0.72
CA GLU A 252 -7.06 21.27 -0.04
CA GLU A 252 -7.02 21.22 0.04
C GLU A 252 -5.57 21.40 -0.43
N VAL A 253 -4.90 20.26 -0.63
CA VAL A 253 -3.51 20.23 -1.05
C VAL A 253 -3.31 20.35 -2.54
N LEU A 254 -4.10 19.60 -3.30
CA LEU A 254 -3.88 19.43 -4.72
C LEU A 254 -4.78 20.26 -5.61
N GLY A 255 -5.79 20.89 -5.04
CA GLY A 255 -6.74 21.69 -5.78
C GLY A 255 -7.94 20.87 -6.14
N LEU A 256 -9.05 21.53 -6.43
CA LEU A 256 -10.21 20.86 -6.93
C LEU A 256 -9.99 20.53 -8.39
N PRO A 257 -10.21 19.26 -8.78
CA PRO A 257 -10.07 18.91 -10.16
C PRO A 257 -11.19 19.50 -10.98
N ASP A 258 -10.94 19.53 -12.30
CA ASP A 258 -12.01 19.81 -13.22
C ASP A 258 -11.84 18.87 -14.42
N ASP A 259 -12.71 18.99 -15.42
CA ASP A 259 -12.71 18.04 -16.54
C ASP A 259 -11.54 18.23 -17.49
N THR A 260 -10.76 19.30 -17.33
CA THR A 260 -9.44 19.41 -17.99
C THR A 260 -8.33 18.72 -17.23
N THR A 261 -8.21 19.01 -15.93
CA THR A 261 -7.17 18.36 -15.11
C THR A 261 -7.42 16.87 -14.93
N TRP A 262 -8.68 16.44 -14.97
CA TRP A 262 -9.12 15.07 -14.80
C TRP A 262 -10.37 14.82 -15.60
N PRO A 263 -10.16 14.55 -16.90
CA PRO A 263 -11.31 14.31 -17.79
C PRO A 263 -12.21 13.24 -17.24
N GLY A 264 -13.50 13.56 -17.10
CA GLY A 264 -14.50 12.60 -16.60
C GLY A 264 -14.77 12.73 -15.11
N VAL A 265 -14.00 13.56 -14.42
CA VAL A 265 -14.16 13.61 -12.96
C VAL A 265 -15.57 14.02 -12.55
N THR A 266 -16.18 14.96 -13.29
CA THR A 266 -17.49 15.47 -12.89
C THR A 266 -18.63 14.47 -13.19
N ALA A 267 -18.33 13.41 -13.91
CA ALA A 267 -19.28 12.33 -14.19
C ALA A 267 -19.09 11.19 -13.21
N LEU A 268 -18.18 11.32 -12.23
CA LEU A 268 -18.03 10.25 -11.28
C LEU A 268 -19.22 10.26 -10.30
N PRO A 269 -19.59 9.09 -9.77
CA PRO A 269 -20.85 9.03 -9.05
C PRO A 269 -21.01 9.99 -7.90
N ASP A 270 -19.93 10.25 -7.19
CA ASP A 270 -20.03 11.09 -6.02
C ASP A 270 -19.40 12.46 -6.20
N TRP A 271 -19.19 12.86 -7.45
CA TRP A 271 -18.77 14.24 -7.69
C TRP A 271 -19.88 15.18 -7.23
N LYS A 272 -19.52 16.26 -6.57
CA LYS A 272 -20.49 17.29 -6.13
C LYS A 272 -20.19 18.57 -6.84
N GLN A 273 -21.17 19.12 -7.58
CA GLN A 273 -21.00 20.43 -8.25
C GLN A 273 -20.68 21.53 -7.24
N SER A 274 -21.08 21.30 -6.01
CA SER A 274 -20.89 22.31 -4.98
C SER A 274 -19.58 22.18 -4.24
N PHE A 275 -18.65 21.31 -4.66
CA PHE A 275 -17.40 21.20 -3.90
C PHE A 275 -16.75 22.58 -3.81
N PRO A 276 -16.12 22.91 -2.68
CA PRO A 276 -15.39 24.15 -2.62
C PRO A 276 -14.30 24.18 -3.67
N LYS A 277 -14.04 25.39 -4.19
CA LYS A 277 -13.11 25.62 -5.29
C LYS A 277 -11.70 25.74 -4.74
N PHE A 278 -11.21 24.63 -4.17
CA PHE A 278 -9.88 24.60 -3.57
C PHE A 278 -8.88 24.87 -4.66
N ARG A 279 -7.94 25.76 -4.38
CA ARG A 279 -6.92 26.08 -5.35
C ARG A 279 -5.75 25.13 -5.21
N GLY A 280 -5.50 24.73 -3.97
CA GLY A 280 -4.42 23.81 -3.63
C GLY A 280 -3.31 24.51 -2.84
N LYS A 281 -3.02 24.07 -1.63
CA LYS A 281 -1.84 24.51 -0.86
C LYS A 281 -0.55 24.17 -1.58
N THR A 282 -0.58 23.09 -2.36
CA THR A 282 0.53 22.53 -3.08
C THR A 282 1.38 21.65 -2.17
N LEU A 283 1.84 20.56 -2.76
CA LEU A 283 2.74 19.63 -2.08
C LEU A 283 4.01 20.34 -1.68
N LYS A 284 4.49 21.25 -2.53
CA LYS A 284 5.71 22.02 -2.20
C LYS A 284 5.55 22.70 -0.85
N ARG A 285 4.43 23.42 -0.67
CA ARG A 285 4.15 24.05 0.63
C ARG A 285 4.03 23.05 1.76
N VAL A 286 3.40 21.91 1.53
CA VAL A 286 3.16 20.97 2.59
C VAL A 286 4.43 20.22 3.09
N LEU A 287 5.25 19.73 2.19
CA LEU A 287 6.38 18.90 2.61
C LEU A 287 7.64 19.17 1.78
N GLY A 288 7.64 20.28 1.05
CA GLY A 288 8.74 20.64 0.16
C GLY A 288 10.05 20.82 0.93
N ALA A 289 9.95 21.21 2.19
CA ALA A 289 11.10 21.24 3.11
C ALA A 289 11.73 19.86 3.40
N LEU A 290 11.00 18.78 3.14
CA LEU A 290 11.43 17.42 3.51
C LEU A 290 12.04 16.61 2.39
N LEU A 291 11.98 17.15 1.19
CA LEU A 291 12.28 16.39 0.01
C LEU A 291 13.10 17.24 -0.94
N ASP A 292 14.10 16.65 -1.59
CA ASP A 292 14.81 17.39 -2.64
C ASP A 292 13.88 17.60 -3.85
N ASP A 293 14.36 18.32 -4.86
CA ASP A 293 13.52 18.66 -6.01
C ASP A 293 13.05 17.41 -6.75
N GLU A 294 13.95 16.44 -6.97
CA GLU A 294 13.62 15.27 -7.76
C GLU A 294 12.54 14.48 -6.99
N GLY A 295 12.70 14.44 -5.68
CA GLY A 295 11.79 13.70 -4.81
C GLY A 295 10.42 14.31 -4.89
N LEU A 296 10.36 15.63 -4.85
CA LEU A 296 9.09 16.35 -4.98
C LEU A 296 8.45 16.12 -6.34
N ASP A 297 9.26 16.09 -7.40
CA ASP A 297 8.74 15.77 -8.72
C ASP A 297 8.06 14.38 -8.78
N LEU A 298 8.75 13.37 -8.26
CA LEU A 298 8.21 12.03 -8.21
C LEU A 298 6.94 11.98 -7.43
N LEU A 299 6.95 12.57 -6.24
CA LEU A 299 5.72 12.54 -5.37
C LEU A 299 4.53 13.20 -6.09
N THR A 300 4.79 14.32 -6.74
CA THR A 300 3.77 15.04 -7.48
C THR A 300 3.17 14.15 -8.60
N ALA A 301 4.03 13.37 -9.24
CA ALA A 301 3.64 12.46 -10.33
C ALA A 301 2.80 11.31 -9.80
N MET A 302 3.07 10.89 -8.58
CA MET A 302 2.32 9.82 -7.94
C MET A 302 1.00 10.31 -7.38
N LEU A 303 0.89 11.61 -7.14
CA LEU A 303 -0.32 12.17 -6.60
C LEU A 303 -1.11 12.97 -7.63
N GLU A 304 -0.96 12.61 -8.90
CA GLU A 304 -1.90 13.10 -9.91
C GLU A 304 -3.28 12.62 -9.51
N MET A 305 -4.28 13.49 -9.53
CA MET A 305 -5.58 13.05 -9.06
C MET A 305 -6.24 12.18 -10.09
N ASP A 306 -6.07 12.49 -11.38
CA ASP A 306 -6.58 11.60 -12.45
C ASP A 306 -5.75 10.33 -12.49
N PRO A 307 -6.35 9.18 -12.22
CA PRO A 307 -5.53 7.98 -12.16
C PRO A 307 -4.80 7.69 -13.45
N VAL A 308 -5.36 8.12 -14.56
CA VAL A 308 -4.69 7.86 -15.82
C VAL A 308 -3.40 8.71 -15.99
N LYS A 309 -3.28 9.81 -15.30
CA LYS A 309 -2.03 10.56 -15.36
C LYS A 309 -1.01 10.18 -14.31
N ARG A 310 -1.36 9.27 -13.42
CA ARG A 310 -0.52 8.96 -12.30
C ARG A 310 0.62 8.10 -12.78
N ILE A 311 1.81 8.43 -12.34
CA ILE A 311 3.01 7.67 -12.70
C ILE A 311 2.85 6.18 -12.38
N SER A 312 3.35 5.34 -13.30
CA SER A 312 3.37 3.88 -13.08
C SER A 312 4.50 3.57 -12.12
N ALA A 313 4.37 2.47 -11.37
CA ALA A 313 5.46 1.97 -10.56
C ALA A 313 6.74 1.83 -11.41
N LYS A 314 6.59 1.32 -12.62
CA LYS A 314 7.75 1.09 -13.51
C LYS A 314 8.49 2.40 -13.75
N ASN A 315 7.75 3.43 -14.14
CA ASN A 315 8.33 4.76 -14.36
C ASN A 315 8.85 5.47 -13.11
N ALA A 316 8.19 5.24 -11.98
CA ALA A 316 8.70 5.70 -10.73
C ALA A 316 10.09 5.12 -10.42
N LEU A 317 10.27 3.81 -10.60
CA LEU A 317 11.58 3.21 -10.39
C LEU A 317 12.64 3.82 -11.34
N GLU A 318 12.23 4.21 -12.53
CA GLU A 318 13.12 4.83 -13.52
C GLU A 318 13.35 6.31 -13.32
N HIS A 319 12.69 6.91 -12.33
CA HIS A 319 12.74 8.33 -12.10
C HIS A 319 14.15 8.74 -11.67
N PRO A 320 14.62 9.94 -12.09
CA PRO A 320 15.96 10.35 -11.67
C PRO A 320 16.18 10.30 -10.16
N TYR A 321 15.11 10.35 -9.38
CA TYR A 321 15.23 10.31 -7.93
C TYR A 321 16.00 9.08 -7.44
N PHE A 322 15.89 7.98 -8.17
CA PHE A 322 16.50 6.72 -7.80
C PHE A 322 17.76 6.40 -8.58
N SER A 323 18.36 7.43 -9.18
CA SER A 323 19.57 7.26 -10.04
C SER A 323 20.85 7.62 -9.30
N HIS A 324 20.79 7.89 -8.02
CA HIS A 324 21.96 8.43 -7.31
C HIS A 324 22.70 7.50 -6.34
N ASN A 325 22.34 6.22 -6.27
CA ASN A 325 23.01 5.30 -5.36
C ASN A 325 23.01 5.78 -3.93
N ASP A 326 21.93 6.43 -3.50
CA ASP A 326 21.88 6.98 -2.12
C ASP A 326 20.78 6.28 -1.31
N PHE A 327 20.59 4.99 -1.56
CA PHE A 327 19.57 4.22 -0.91
C PHE A 327 19.94 2.76 -1.12
N ASP A 328 19.32 1.89 -0.31
CA ASP A 328 19.50 0.46 -0.39
C ASP A 328 18.31 -0.20 -1.10
N PRO A 329 18.56 -0.78 -2.28
CA PRO A 329 17.42 -1.43 -2.97
C PRO A 329 17.00 -2.72 -2.28
#